data_9G4V
#
_entry.id   9G4V
#
_entity_poly.entity_id   1
_entity_poly.type   'polyribonucleotide'
_entity_poly.pdbx_seq_one_letter_code
;GGGUUAUGUGUGCCCGGCAUGGGUGCAGUCUAUAGGGUGAGAGUCCCGAACUGUGAAGGCAGAAGUAACAGUUAGCCUAA
CGCAAGGGUGUCCGUGGCGACAUGGAAUCUGAAGGAAGCGGACGGCAAACCUUCGGUCUGAGGAACACGAACUUCAUAUG
AGGCUAGGUAUCAAUGGAUGAGUUUGCAUAACAAAACAAAGUCCUUUCUGCCAAAGUUGGUACAGAGUAAAUGAAGCAGA
UUGAUGAAGGGAAAGACUGCAUUCUUACCCGGGGAGGUCUGGAAACAGAAGUCAGC
;
_entity_poly.pdbx_strand_id   A
#
loop_
_chem_comp.id
_chem_comp.type
_chem_comp.name
_chem_comp.formula
A RNA linking ADENOSINE-5'-MONOPHOSPHATE 'C10 H14 N5 O7 P'
C RNA linking CYTIDINE-5'-MONOPHOSPHATE 'C9 H14 N3 O8 P'
G RNA linking GUANOSINE-5'-MONOPHOSPHATE 'C10 H14 N5 O8 P'
U RNA linking URIDINE-5'-MONOPHOSPHATE 'C9 H13 N2 O9 P'
#